data_4RGJ
#
_entry.id   4RGJ
#
_cell.length_a   70.654
_cell.length_b   75.548
_cell.length_c   92.562
_cell.angle_alpha   90.000
_cell.angle_beta   90.000
_cell.angle_gamma   90.000
#
_symmetry.space_group_name_H-M   'P 21 21 21'
#
loop_
_entity.id
_entity.type
_entity.pdbx_description
1 polymer 'Calcium-dependent protein kinase 4'
2 water water
#
_entity_poly.entity_id   1
_entity_poly.type   'polypeptide(L)'
_entity_poly.pdbx_seq_one_letter_code
;GNTKNEHHKTNKKSLKGGNERHEMKESSVGISKKIVENSFNNSKLRPGMFIQNSNVVFNEQYKGIKILGKGSFGEVILSR
DKHTGHEYAIKVISKKHVKRKTDKESLLREVELLKMLDHINIMKLYEFFEDNNYYYLVSDVYTGGELFDEIISRKRFYEI
DAARIIKQILSGITYMHKNNVVHRDLKPENILLETKNKEDMIIKIIDFGLSTHFEYSKKMKDKIGTAYYIAPDVLHGTYD
EKCDIWSCGVILYILLSGCPPFNGSNEYDILKKVEAGKYTFDLPQFKKISDKAKDLIKKMLMYTSAVRISARDALEHEWI
KMMTSKDNLNIDIPSLELSIANIRQFQSTQKLAQAALLYMGSKLTTIDETKELTKIFKKMDKNGDGQLDRNELIIGYKEL
LKLKGEDTSDLDNAAIEYEVDQILNSIDLDQNGYIEYSEFLTVSIDRKLLLSTERLEKAFKLFDKDGSGKISANELAQLF
GLSDVSSECWKTVLKEVDQNNDGEIDFKEFRDMLVKLCNY
;
_entity_poly.pdbx_strand_id   A
#
# COMPACT_ATOMS: atom_id res chain seq x y z
N ILE A 31 14.60 -11.28 0.69
CA ILE A 31 14.11 -10.06 1.39
C ILE A 31 13.46 -9.07 0.41
N SER A 32 14.26 -8.58 -0.54
CA SER A 32 13.86 -7.51 -1.45
C SER A 32 13.19 -7.99 -2.73
N LYS A 33 13.81 -8.94 -3.43
CA LYS A 33 13.36 -9.36 -4.77
C LYS A 33 12.15 -10.28 -4.76
N LYS A 34 11.78 -10.78 -3.59
CA LYS A 34 10.63 -11.69 -3.50
C LYS A 34 9.32 -10.87 -3.54
N ILE A 35 9.27 -9.78 -2.75
CA ILE A 35 8.05 -8.95 -2.64
C ILE A 35 7.74 -8.07 -3.86
N VAL A 36 8.78 -7.60 -4.57
CA VAL A 36 8.58 -6.83 -5.81
C VAL A 36 8.31 -7.78 -6.98
N GLU A 37 9.11 -8.85 -7.06
CA GLU A 37 8.95 -9.90 -8.07
C GLU A 37 8.32 -11.16 -7.47
N SER A 43 4.55 -3.36 -11.80
CA SER A 43 4.14 -1.95 -11.67
C SER A 43 4.87 -1.05 -12.68
N LYS A 44 4.45 -1.13 -13.94
CA LYS A 44 5.06 -0.32 -14.99
C LYS A 44 4.32 1.02 -15.13
N LEU A 45 3.25 1.22 -14.36
CA LEU A 45 2.49 2.47 -14.34
C LEU A 45 2.76 3.18 -13.02
N ARG A 46 2.88 4.51 -13.07
CA ARG A 46 3.25 5.30 -11.89
C ARG A 46 2.07 6.15 -11.41
N PRO A 47 1.82 6.17 -10.09
CA PRO A 47 0.82 7.08 -9.56
C PRO A 47 1.02 8.50 -10.07
N GLY A 48 -0.08 9.09 -10.53
CA GLY A 48 -0.09 10.45 -11.04
C GLY A 48 0.01 10.54 -12.54
N MET A 49 0.42 9.47 -13.22
CA MET A 49 0.60 9.54 -14.66
C MET A 49 -0.74 9.51 -15.43
N PHE A 50 -0.86 10.44 -16.37
CA PHE A 50 -2.02 10.51 -17.26
C PHE A 50 -1.83 9.44 -18.34
N ILE A 51 -2.91 8.71 -18.63
CA ILE A 51 -2.89 7.70 -19.69
C ILE A 51 -3.96 7.97 -20.74
N GLN A 52 -4.57 9.17 -20.71
CA GLN A 52 -5.68 9.46 -21.62
C GLN A 52 -5.27 9.45 -23.10
N ASN A 53 -4.02 9.77 -23.38
CA ASN A 53 -3.50 9.68 -24.74
C ASN A 53 -3.50 8.27 -25.31
N SER A 54 -3.56 7.26 -24.44
CA SER A 54 -3.44 5.86 -24.89
C SER A 54 -4.73 5.28 -25.36
N ASN A 55 -5.83 5.97 -25.06
CA ASN A 55 -7.16 5.51 -25.43
C ASN A 55 -7.43 4.08 -24.92
N VAL A 56 -7.08 3.87 -23.65
CA VAL A 56 -7.38 2.64 -22.95
C VAL A 56 -8.83 2.69 -22.47
N VAL A 57 -9.62 1.71 -22.86
CA VAL A 57 -11.04 1.68 -22.54
C VAL A 57 -11.39 0.41 -21.80
N PHE A 58 -12.07 0.52 -20.67
CA PHE A 58 -12.48 -0.66 -19.90
C PHE A 58 -13.94 -0.98 -20.13
N ASN A 59 -14.19 -2.22 -20.53
CA ASN A 59 -15.53 -2.71 -20.76
C ASN A 59 -16.28 -1.91 -21.83
N GLU A 60 -15.54 -1.36 -22.79
CA GLU A 60 -16.12 -0.52 -23.83
C GLU A 60 -17.06 0.52 -23.24
N GLN A 61 -16.64 1.10 -22.11
CA GLN A 61 -17.44 2.09 -21.40
C GLN A 61 -16.59 3.14 -20.70
N TYR A 62 -15.51 2.74 -20.02
CA TYR A 62 -14.77 3.67 -19.17
C TYR A 62 -13.41 3.98 -19.75
N LYS A 63 -13.17 5.26 -19.98
CA LYS A 63 -11.91 5.70 -20.54
C LYS A 63 -10.94 5.93 -19.40
N GLY A 64 -9.76 5.35 -19.53
CA GLY A 64 -8.72 5.51 -18.52
C GLY A 64 -8.14 6.89 -18.59
N ILE A 65 -8.09 7.56 -17.45
CA ILE A 65 -7.65 8.96 -17.42
C ILE A 65 -6.29 9.08 -16.72
N LYS A 66 -6.20 8.53 -15.52
CA LYS A 66 -5.04 8.78 -14.69
C LYS A 66 -4.84 7.69 -13.63
N ILE A 67 -3.61 7.26 -13.44
CA ILE A 67 -3.28 6.25 -12.47
C ILE A 67 -3.34 6.88 -11.10
N LEU A 68 -4.22 6.34 -10.25
CA LEU A 68 -4.37 6.86 -8.90
C LEU A 68 -3.46 6.23 -7.87
N GLY A 69 -2.98 5.02 -8.11
CA GLY A 69 -2.10 4.35 -7.14
C GLY A 69 -2.23 2.84 -7.11
N LYS A 70 -1.52 2.23 -6.17
CA LYS A 70 -1.56 0.77 -5.95
C LYS A 70 -2.51 0.44 -4.80
N GLY A 71 -3.58 -0.31 -5.11
CA GLY A 71 -4.60 -0.72 -4.13
C GLY A 71 -4.50 -2.17 -3.69
N SER A 72 -5.35 -2.55 -2.73
CA SER A 72 -5.25 -3.83 -2.01
C SER A 72 -4.77 -5.02 -2.86
N PHE A 73 -5.43 -5.23 -4.00
CA PHE A 73 -5.14 -6.40 -4.86
C PHE A 73 -4.82 -6.01 -6.31
N GLY A 74 -4.34 -4.79 -6.51
CA GLY A 74 -3.99 -4.31 -7.84
C GLY A 74 -4.17 -2.82 -7.98
N GLU A 75 -4.17 -2.36 -9.24
CA GLU A 75 -4.05 -0.95 -9.59
C GLU A 75 -5.38 -0.19 -9.47
N VAL A 76 -5.33 1.10 -9.12
CA VAL A 76 -6.53 1.97 -9.09
C VAL A 76 -6.39 3.06 -10.13
N ILE A 77 -7.34 3.11 -11.06
CA ILE A 77 -7.27 4.03 -12.18
C ILE A 77 -8.49 4.96 -12.25
N LEU A 78 -8.25 6.27 -12.22
CA LEU A 78 -9.30 7.25 -12.46
C LEU A 78 -9.81 7.07 -13.90
N SER A 79 -11.11 6.88 -14.05
CA SER A 79 -11.70 6.61 -15.34
C SER A 79 -12.98 7.42 -15.54
N ARG A 80 -13.37 7.59 -16.81
CA ARG A 80 -14.48 8.43 -17.19
C ARG A 80 -15.41 7.62 -18.06
N ASP A 81 -16.65 7.48 -17.61
CA ASP A 81 -17.71 6.91 -18.43
C ASP A 81 -17.85 7.72 -19.71
N LYS A 82 -17.65 7.09 -20.86
CA LYS A 82 -17.59 7.86 -22.10
C LYS A 82 -18.96 8.39 -22.54
N HIS A 83 -20.02 7.88 -21.93
CA HIS A 83 -21.37 8.30 -22.28
C HIS A 83 -21.80 9.50 -21.42
N THR A 84 -21.49 9.45 -20.12
CA THR A 84 -22.04 10.40 -19.16
C THR A 84 -21.04 11.47 -18.69
N GLY A 85 -19.75 11.22 -18.86
CA GLY A 85 -18.72 12.07 -18.23
C GLY A 85 -18.44 11.78 -16.74
N HIS A 86 -19.23 10.93 -16.10
CA HIS A 86 -19.07 10.63 -14.67
C HIS A 86 -17.73 9.94 -14.47
N GLU A 87 -16.98 10.37 -13.46
CA GLU A 87 -15.67 9.82 -13.18
C GLU A 87 -15.73 8.81 -12.04
N TYR A 88 -14.91 7.76 -12.14
CA TYR A 88 -14.88 6.64 -11.19
C TYR A 88 -13.45 6.23 -10.89
N ALA A 89 -13.23 5.59 -9.76
CA ALA A 89 -11.98 4.91 -9.50
C ALA A 89 -12.19 3.43 -9.84
N ILE A 90 -11.39 2.89 -10.75
CA ILE A 90 -11.52 1.49 -11.13
C ILE A 90 -10.35 0.71 -10.62
N LYS A 91 -10.63 -0.25 -9.74
CA LYS A 91 -9.58 -1.10 -9.23
C LYS A 91 -9.39 -2.21 -10.24
N VAL A 92 -8.16 -2.37 -10.70
CA VAL A 92 -7.81 -3.32 -11.74
C VAL A 92 -6.90 -4.37 -11.10
N ILE A 93 -7.41 -5.60 -11.08
CA ILE A 93 -6.77 -6.73 -10.40
C ILE A 93 -6.31 -7.77 -11.41
N SER A 94 -5.01 -8.05 -11.47
CA SER A 94 -4.50 -9.02 -12.46
C SER A 94 -4.91 -10.46 -12.11
N LYS A 95 -5.60 -11.11 -13.05
CA LYS A 95 -6.01 -12.51 -12.91
C LYS A 95 -4.84 -13.49 -12.82
N LYS A 96 -3.82 -13.30 -13.64
CA LYS A 96 -2.68 -14.23 -13.67
C LYS A 96 -1.95 -14.27 -12.33
N HIS A 97 -1.98 -13.16 -11.58
CA HIS A 97 -1.29 -13.10 -10.30
C HIS A 97 -2.19 -13.23 -9.06
N VAL A 98 -3.51 -13.02 -9.21
CA VAL A 98 -4.41 -13.01 -8.03
C VAL A 98 -5.49 -14.10 -8.09
N LYS A 99 -5.72 -14.74 -6.95
CA LYS A 99 -6.51 -15.98 -6.89
C LYS A 99 -7.92 -15.75 -6.35
N ARG A 100 -8.80 -16.68 -6.69
CA ARG A 100 -10.21 -16.65 -6.33
C ARG A 100 -10.53 -17.74 -5.30
N LYS A 101 -11.01 -17.34 -4.14
CA LYS A 101 -11.33 -18.29 -3.05
C LYS A 101 -12.73 -18.90 -3.15
N THR A 102 -13.62 -18.22 -3.87
CA THR A 102 -15.02 -18.65 -3.99
C THR A 102 -15.37 -18.83 -5.46
N ASP A 103 -16.49 -19.50 -5.72
CA ASP A 103 -16.98 -19.65 -7.08
C ASP A 103 -17.59 -18.34 -7.58
N LYS A 104 -17.75 -18.23 -8.89
CA LYS A 104 -18.17 -16.99 -9.55
C LYS A 104 -19.55 -16.47 -9.12
N GLU A 105 -20.44 -17.39 -8.77
N GLU A 105 -20.47 -17.35 -8.76
CA GLU A 105 -21.82 -17.06 -8.35
CA GLU A 105 -21.81 -16.92 -8.38
C GLU A 105 -21.85 -16.35 -6.99
C GLU A 105 -21.89 -16.35 -6.96
N SER A 106 -20.97 -16.75 -6.09
CA SER A 106 -20.85 -16.10 -4.76
C SER A 106 -20.37 -14.66 -4.92
N LEU A 107 -19.36 -14.47 -5.75
CA LEU A 107 -18.81 -13.15 -6.02
C LEU A 107 -19.87 -12.22 -6.60
N LEU A 108 -20.61 -12.69 -7.59
CA LEU A 108 -21.64 -11.85 -8.23
C LEU A 108 -22.78 -11.50 -7.26
N ARG A 109 -23.13 -12.41 -6.35
CA ARG A 109 -24.16 -12.13 -5.33
C ARG A 109 -23.70 -11.09 -4.31
N GLU A 110 -22.44 -11.14 -3.89
CA GLU A 110 -21.93 -10.14 -2.98
C GLU A 110 -21.83 -8.77 -3.66
N VAL A 111 -21.44 -8.73 -4.93
CA VAL A 111 -21.37 -7.48 -5.66
C VAL A 111 -22.76 -6.85 -5.77
N GLU A 112 -23.78 -7.65 -6.09
CA GLU A 112 -25.16 -7.14 -6.15
C GLU A 112 -25.62 -6.59 -4.79
N LEU A 113 -25.31 -7.29 -3.72
CA LEU A 113 -25.56 -6.75 -2.38
C LEU A 113 -24.80 -5.42 -2.20
N LEU A 114 -23.49 -5.46 -2.40
CA LEU A 114 -22.67 -4.26 -2.26
C LEU A 114 -23.16 -3.04 -3.05
N LYS A 115 -23.64 -3.24 -4.27
CA LYS A 115 -24.17 -2.13 -5.08
C LYS A 115 -25.36 -1.41 -4.46
N MET A 116 -26.03 -2.05 -3.51
CA MET A 116 -27.29 -1.52 -3.01
C MET A 116 -27.11 -0.84 -1.67
N LEU A 117 -25.91 -0.89 -1.12
CA LEU A 117 -25.66 -0.32 0.19
C LEU A 117 -25.16 1.09 -0.05
N ASP A 118 -25.49 1.99 0.87
CA ASP A 118 -24.97 3.37 0.85
C ASP A 118 -24.74 3.80 2.27
N HIS A 119 -23.57 4.35 2.54
CA HIS A 119 -23.28 4.94 3.85
C HIS A 119 -22.23 5.99 3.64
N ILE A 120 -22.34 7.09 4.37
CA ILE A 120 -21.37 8.17 4.24
C ILE A 120 -19.89 7.76 4.54
N ASN A 121 -19.69 6.75 5.38
CA ASN A 121 -18.34 6.31 5.71
C ASN A 121 -17.85 5.07 4.99
N ILE A 122 -18.55 4.66 3.93
CA ILE A 122 -18.20 3.47 3.15
C ILE A 122 -18.04 3.89 1.69
N MET A 123 -16.92 3.53 1.07
CA MET A 123 -16.69 3.85 -0.34
C MET A 123 -17.61 2.99 -1.18
N LYS A 124 -18.44 3.66 -1.98
N LYS A 124 -18.47 3.64 -1.97
CA LYS A 124 -19.46 3.02 -2.84
CA LYS A 124 -19.47 2.95 -2.77
C LYS A 124 -18.83 2.14 -3.93
C LYS A 124 -18.86 2.14 -3.92
N LEU A 125 -19.33 0.91 -4.07
CA LEU A 125 -19.04 0.08 -5.23
C LEU A 125 -20.18 0.14 -6.24
N TYR A 126 -19.87 0.42 -7.50
CA TYR A 126 -20.89 0.50 -8.56
C TYR A 126 -21.02 -0.76 -9.37
N GLU A 127 -19.89 -1.36 -9.71
CA GLU A 127 -19.90 -2.38 -10.73
C GLU A 127 -18.72 -3.34 -10.60
N PHE A 128 -18.93 -4.54 -11.12
CA PHE A 128 -17.88 -5.51 -11.27
C PHE A 128 -17.91 -6.02 -12.71
N PHE A 129 -16.75 -6.14 -13.33
CA PHE A 129 -16.68 -6.79 -14.62
C PHE A 129 -15.31 -7.42 -14.79
N GLU A 130 -15.12 -8.14 -15.89
CA GLU A 130 -13.87 -8.83 -16.12
C GLU A 130 -13.63 -9.03 -17.59
N ASP A 131 -12.38 -9.32 -17.92
CA ASP A 131 -12.03 -9.91 -19.20
C ASP A 131 -11.02 -11.03 -18.88
N ASN A 132 -10.31 -11.55 -19.87
CA ASN A 132 -9.39 -12.67 -19.63
C ASN A 132 -8.09 -12.29 -18.89
N ASN A 133 -7.85 -10.99 -18.71
CA ASN A 133 -6.67 -10.54 -17.99
C ASN A 133 -6.92 -9.93 -16.62
N TYR A 134 -8.10 -9.37 -16.40
CA TYR A 134 -8.33 -8.61 -15.17
C TYR A 134 -9.73 -8.76 -14.62
N TYR A 135 -9.80 -8.57 -13.30
CA TYR A 135 -11.05 -8.22 -12.62
C TYR A 135 -11.06 -6.71 -12.42
N TYR A 136 -12.24 -6.15 -12.55
CA TYR A 136 -12.40 -4.71 -12.46
C TYR A 136 -13.47 -4.39 -11.44
N LEU A 137 -13.17 -3.48 -10.51
CA LEU A 137 -14.16 -3.01 -9.57
C LEU A 137 -14.27 -1.50 -9.66
N VAL A 138 -15.46 -1.02 -9.99
CA VAL A 138 -15.71 0.38 -10.24
C VAL A 138 -16.30 1.01 -9.00
N SER A 139 -15.62 2.02 -8.47
CA SER A 139 -16.10 2.63 -7.22
C SER A 139 -16.12 4.14 -7.35
N ASP A 140 -16.64 4.82 -6.34
CA ASP A 140 -16.50 6.28 -6.27
C ASP A 140 -15.03 6.64 -6.23
N VAL A 141 -14.75 7.86 -6.66
CA VAL A 141 -13.40 8.42 -6.66
C VAL A 141 -12.94 8.65 -5.22
N TYR A 142 -11.79 8.12 -4.86
CA TYR A 142 -11.25 8.22 -3.49
C TYR A 142 -11.00 9.69 -3.12
N THR A 143 -11.54 10.13 -1.98
CA THR A 143 -11.22 11.47 -1.43
C THR A 143 -10.47 11.30 -0.09
N GLY A 144 -9.44 12.13 0.11
CA GLY A 144 -8.58 12.05 1.29
C GLY A 144 -7.39 11.11 1.17
N GLY A 145 -6.51 11.18 2.16
CA GLY A 145 -5.35 10.32 2.23
C GLY A 145 -5.53 9.24 3.27
N GLU A 146 -4.58 8.32 3.32
CA GLU A 146 -4.61 7.26 4.32
C GLU A 146 -4.64 7.86 5.72
N LEU A 147 -5.38 7.22 6.61
CA LEU A 147 -5.70 7.74 7.93
C LEU A 147 -4.52 8.33 8.68
N PHE A 148 -3.50 7.52 8.93
CA PHE A 148 -2.35 8.01 9.68
C PHE A 148 -1.58 9.08 8.92
N ASP A 149 -1.39 8.94 7.60
CA ASP A 149 -0.73 9.97 6.78
C ASP A 149 -1.41 11.32 6.96
N GLU A 150 -2.73 11.32 7.08
CA GLU A 150 -3.46 12.58 7.22
C GLU A 150 -3.35 13.13 8.64
N ILE A 151 -3.36 12.25 9.63
CA ILE A 151 -3.15 12.67 11.01
C ILE A 151 -1.74 13.24 11.23
N ILE A 152 -0.71 12.59 10.69
CA ILE A 152 0.65 13.02 10.98
C ILE A 152 1.18 14.14 10.07
N SER A 153 0.40 14.59 9.09
CA SER A 153 0.77 15.80 8.34
C SER A 153 0.47 17.05 9.18
N ARG A 154 -0.46 16.94 10.13
CA ARG A 154 -0.85 18.09 10.94
C ARG A 154 0.14 18.25 12.09
N LYS A 155 0.06 19.39 12.78
CA LYS A 155 1.00 19.69 13.86
C LYS A 155 0.61 18.95 15.13
N ARG A 156 -0.70 18.83 15.37
CA ARG A 156 -1.20 18.25 16.64
C ARG A 156 -2.45 17.42 16.44
N PHE A 157 -2.66 16.51 17.41
CA PHE A 157 -3.73 15.52 17.36
C PHE A 157 -4.35 15.36 18.74
N TYR A 158 -5.68 15.45 18.83
CA TYR A 158 -6.39 15.49 20.15
C TYR A 158 -7.33 14.32 20.43
N GLU A 159 -7.62 14.08 21.70
CA GLU A 159 -8.52 13.01 22.10
C GLU A 159 -9.85 13.09 21.34
N ILE A 160 -10.34 14.31 21.15
CA ILE A 160 -11.62 14.53 20.51
C ILE A 160 -11.56 14.11 19.04
N ASP A 161 -10.44 14.38 18.38
CA ASP A 161 -10.21 13.96 17.00
C ASP A 161 -10.29 12.43 16.90
N ALA A 162 -9.54 11.76 17.76
CA ALA A 162 -9.54 10.31 17.79
C ALA A 162 -10.97 9.76 17.97
N ALA A 163 -11.74 10.36 18.87
CA ALA A 163 -13.08 9.86 19.13
C ALA A 163 -14.01 10.04 17.92
N ARG A 164 -13.91 11.19 17.25
CA ARG A 164 -14.71 11.46 16.07
C ARG A 164 -14.36 10.50 14.94
N ILE A 165 -13.06 10.24 14.79
CA ILE A 165 -12.58 9.29 13.82
C ILE A 165 -13.17 7.91 14.04
N ILE A 166 -13.04 7.43 15.27
CA ILE A 166 -13.48 6.10 15.62
C ILE A 166 -15.00 5.99 15.55
N LYS A 167 -15.69 7.05 15.94
CA LYS A 167 -17.13 7.08 15.79
C LYS A 167 -17.53 6.83 14.33
N GLN A 168 -16.90 7.54 13.41
CA GLN A 168 -17.21 7.35 12.01
C GLN A 168 -16.86 5.93 11.53
N ILE A 169 -15.68 5.43 11.91
CA ILE A 169 -15.30 4.06 11.53
C ILE A 169 -16.35 3.07 12.00
N LEU A 170 -16.77 3.24 13.25
CA LEU A 170 -17.77 2.37 13.84
C LEU A 170 -19.13 2.52 13.24
N SER A 171 -19.48 3.72 12.79
N SER A 171 -19.49 3.72 12.78
CA SER A 171 -20.75 3.93 12.10
CA SER A 171 -20.78 3.89 12.12
C SER A 171 -20.78 3.08 10.83
C SER A 171 -20.82 3.14 10.79
N GLY A 172 -19.72 3.18 10.04
CA GLY A 172 -19.61 2.40 8.80
C GLY A 172 -19.68 0.91 9.05
N ILE A 173 -18.88 0.44 9.99
CA ILE A 173 -18.86 -0.98 10.36
C ILE A 173 -20.21 -1.48 10.83
N THR A 174 -20.84 -0.75 11.73
CA THR A 174 -22.18 -1.09 12.22
C THR A 174 -23.16 -1.30 11.07
N TYR A 175 -23.16 -0.37 10.13
CA TYR A 175 -24.05 -0.48 8.99
C TYR A 175 -23.74 -1.72 8.14
N MET A 176 -22.47 -1.93 7.82
CA MET A 176 -22.10 -3.06 6.98
C MET A 176 -22.41 -4.39 7.64
N HIS A 177 -22.12 -4.55 8.93
CA HIS A 177 -22.50 -5.76 9.66
C HIS A 177 -24.01 -6.00 9.69
N LYS A 178 -24.79 -4.95 9.87
CA LYS A 178 -26.24 -5.04 9.85
C LYS A 178 -26.70 -5.60 8.51
N ASN A 179 -25.97 -5.29 7.44
CA ASN A 179 -26.27 -5.85 6.13
C ASN A 179 -25.46 -7.10 5.73
N ASN A 180 -24.91 -7.78 6.74
N ASN A 180 -24.93 -7.79 6.74
CA ASN A 180 -24.20 -9.05 6.58
CA ASN A 180 -24.22 -9.06 6.56
C ASN A 180 -22.91 -8.97 5.77
C ASN A 180 -22.91 -8.97 5.77
N VAL A 181 -22.26 -7.81 5.80
CA VAL A 181 -21.00 -7.63 5.12
C VAL A 181 -19.90 -7.43 6.14
N VAL A 182 -18.83 -8.22 6.01
CA VAL A 182 -17.68 -8.16 6.90
C VAL A 182 -16.48 -7.71 6.06
N HIS A 183 -15.60 -6.92 6.66
CA HIS A 183 -14.42 -6.43 5.95
C HIS A 183 -13.30 -7.47 6.00
N ARG A 184 -12.87 -7.86 7.21
CA ARG A 184 -11.84 -8.89 7.44
C ARG A 184 -10.36 -8.39 7.39
N ASP A 185 -10.12 -7.38 6.56
N ASP A 185 -10.09 -7.42 6.52
CA ASP A 185 -8.82 -6.77 6.38
CA ASP A 185 -8.78 -6.78 6.44
C ASP A 185 -8.80 -5.29 6.78
C ASP A 185 -8.80 -5.29 6.78
N LEU A 186 -9.47 -4.93 7.87
CA LEU A 186 -9.54 -3.53 8.27
C LEU A 186 -8.18 -3.04 8.79
N LYS A 187 -7.66 -2.00 8.18
CA LYS A 187 -6.41 -1.37 8.62
C LYS A 187 -6.26 0.07 8.09
N PRO A 188 -5.31 0.85 8.65
CA PRO A 188 -5.18 2.28 8.31
C PRO A 188 -5.08 2.55 6.81
N GLU A 189 -4.43 1.68 6.07
CA GLU A 189 -4.35 1.77 4.61
C GLU A 189 -5.73 1.73 3.90
N ASN A 190 -6.70 1.07 4.53
CA ASN A 190 -8.07 0.97 4.01
C ASN A 190 -9.01 2.05 4.54
N ILE A 191 -8.47 2.98 5.32
CA ILE A 191 -9.28 4.04 5.89
C ILE A 191 -8.78 5.38 5.37
N LEU A 192 -9.60 6.03 4.54
CA LEU A 192 -9.29 7.36 3.99
C LEU A 192 -9.94 8.48 4.79
N LEU A 193 -9.17 9.52 5.07
CA LEU A 193 -9.62 10.68 5.85
C LEU A 193 -9.45 11.98 5.06
N GLU A 194 -10.54 12.72 4.92
CA GLU A 194 -10.53 14.00 4.22
C GLU A 194 -10.57 15.17 5.21
N THR A 195 -9.39 15.74 5.52
CA THR A 195 -9.28 16.87 6.46
C THR A 195 -9.52 18.19 5.74
N MET A 201 -13.86 16.69 9.30
CA MET A 201 -13.24 15.53 8.66
C MET A 201 -14.25 14.42 8.31
N ILE A 202 -14.00 13.73 7.19
CA ILE A 202 -14.85 12.62 6.78
C ILE A 202 -14.05 11.34 6.52
N ILE A 203 -14.41 10.26 7.22
CA ILE A 203 -13.78 8.96 7.02
C ILE A 203 -14.53 8.15 5.95
N LYS A 204 -13.78 7.49 5.08
CA LYS A 204 -14.33 6.53 4.16
C LYS A 204 -13.52 5.23 4.23
N ILE A 205 -14.21 4.10 4.40
CA ILE A 205 -13.56 2.80 4.44
C ILE A 205 -13.59 2.19 3.03
N ILE A 206 -12.43 1.81 2.51
CA ILE A 206 -12.34 1.18 1.20
C ILE A 206 -12.20 -0.35 1.30
N ASP A 207 -12.55 -1.03 0.22
CA ASP A 207 -12.40 -2.48 0.09
C ASP A 207 -13.28 -3.31 1.02
N PHE A 208 -14.41 -2.75 1.43
CA PHE A 208 -15.31 -3.45 2.35
C PHE A 208 -16.04 -4.56 1.60
N GLY A 209 -15.56 -5.79 1.75
CA GLY A 209 -16.24 -6.95 1.19
C GLY A 209 -15.41 -7.76 0.22
N LEU A 210 -14.31 -7.18 -0.25
CA LEU A 210 -13.37 -7.88 -1.14
C LEU A 210 -12.87 -9.22 -0.60
N SER A 211 -12.27 -9.16 0.58
CA SER A 211 -11.36 -10.22 1.07
C SER A 211 -11.90 -11.66 1.03
N THR A 212 -13.18 -11.83 1.31
CA THR A 212 -13.85 -13.13 1.20
C THR A 212 -13.54 -13.85 -0.13
N HIS A 213 -13.36 -13.08 -1.21
CA HIS A 213 -13.36 -13.63 -2.57
C HIS A 213 -12.03 -13.55 -3.31
N PHE A 214 -11.03 -12.90 -2.74
CA PHE A 214 -9.74 -12.76 -3.41
C PHE A 214 -8.60 -13.02 -2.42
N GLU A 215 -7.56 -13.72 -2.88
CA GLU A 215 -6.31 -13.95 -2.11
C GLU A 215 -5.08 -13.69 -2.96
N LYS A 223 2.66 -6.60 2.06
CA LYS A 223 3.03 -5.32 2.64
C LYS A 223 3.81 -5.56 3.95
N ILE A 224 3.96 -4.47 4.72
CA ILE A 224 4.76 -4.47 5.95
C ILE A 224 3.88 -4.28 7.20
N GLY A 225 2.87 -3.41 7.11
CA GLY A 225 1.98 -3.14 8.25
C GLY A 225 0.89 -4.13 8.55
N THR A 226 0.73 -5.15 7.71
CA THR A 226 -0.38 -6.12 7.79
C THR A 226 -0.66 -6.68 9.20
N ALA A 227 0.40 -7.15 9.86
CA ALA A 227 0.26 -8.05 10.99
C ALA A 227 -0.25 -7.42 12.27
N TYR A 228 -0.04 -6.12 12.42
CA TYR A 228 -0.48 -5.41 13.61
C TYR A 228 -1.99 -5.45 13.83
N TYR A 229 -2.75 -5.54 12.74
CA TYR A 229 -4.18 -5.25 12.78
C TYR A 229 -5.08 -6.46 12.71
N ILE A 230 -4.51 -7.60 12.38
CA ILE A 230 -5.33 -8.75 12.08
C ILE A 230 -5.70 -9.52 13.35
N ALA A 231 -6.93 -9.99 13.39
CA ALA A 231 -7.48 -10.63 14.56
C ALA A 231 -7.05 -12.09 14.68
N PRO A 232 -6.83 -12.56 15.91
CA PRO A 232 -6.58 -13.98 16.16
C PRO A 232 -7.60 -14.90 15.50
N ASP A 233 -8.86 -14.44 15.45
CA ASP A 233 -9.96 -15.14 14.78
C ASP A 233 -9.56 -15.58 13.37
N VAL A 234 -9.09 -14.62 12.58
CA VAL A 234 -8.80 -14.85 11.17
C VAL A 234 -7.45 -15.56 10.98
N LEU A 235 -6.57 -15.50 11.99
CA LEU A 235 -5.38 -16.36 12.03
C LEU A 235 -5.78 -17.82 12.35
N HIS A 236 -6.74 -17.98 13.26
CA HIS A 236 -7.28 -19.30 13.61
C HIS A 236 -8.39 -19.73 12.65
N GLY A 237 -8.68 -18.95 11.61
CA GLY A 237 -9.76 -19.27 10.67
C GLY A 237 -11.20 -19.27 11.19
N THR A 238 -11.45 -18.59 12.31
CA THR A 238 -12.83 -18.35 12.81
C THR A 238 -13.50 -17.26 11.99
N TYR A 239 -14.63 -17.61 11.39
CA TYR A 239 -15.24 -16.84 10.33
C TYR A 239 -16.46 -16.04 10.82
N ASP A 240 -16.23 -14.86 11.41
CA ASP A 240 -17.37 -13.94 11.73
C ASP A 240 -17.06 -12.41 11.79
N GLU A 241 -18.11 -11.60 11.96
CA GLU A 241 -17.99 -10.14 11.88
C GLU A 241 -17.11 -9.48 12.98
N LYS A 242 -16.95 -10.16 14.11
CA LYS A 242 -16.26 -9.55 15.25
C LYS A 242 -14.78 -9.24 14.98
N CYS A 243 -14.17 -9.87 13.97
CA CYS A 243 -12.78 -9.55 13.59
C CYS A 243 -12.60 -8.07 13.27
N ASP A 244 -13.61 -7.45 12.66
CA ASP A 244 -13.58 -6.03 12.38
C ASP A 244 -13.51 -5.17 13.64
N ILE A 245 -14.12 -5.60 14.74
CA ILE A 245 -14.10 -4.81 15.96
C ILE A 245 -12.70 -4.90 16.58
N TRP A 246 -12.06 -6.07 16.51
CA TRP A 246 -10.65 -6.19 16.92
C TRP A 246 -9.75 -5.21 16.15
N SER A 247 -9.84 -5.21 14.84
CA SER A 247 -9.01 -4.30 14.02
C SER A 247 -9.25 -2.84 14.42
N CYS A 248 -10.50 -2.43 14.61
CA CYS A 248 -10.80 -1.07 15.02
C CYS A 248 -10.25 -0.75 16.42
N GLY A 249 -10.27 -1.72 17.33
CA GLY A 249 -9.71 -1.52 18.65
C GLY A 249 -8.20 -1.36 18.61
N VAL A 250 -7.53 -2.12 17.74
CA VAL A 250 -6.09 -1.91 17.52
C VAL A 250 -5.83 -0.49 17.03
N ILE A 251 -6.64 -0.02 16.10
CA ILE A 251 -6.49 1.34 15.56
C ILE A 251 -6.70 2.38 16.65
N LEU A 252 -7.72 2.21 17.44
CA LEU A 252 -7.93 3.07 18.59
C LEU A 252 -6.74 3.11 19.56
N TYR A 253 -6.22 1.94 19.93
CA TYR A 253 -5.04 1.88 20.78
C TYR A 253 -3.93 2.75 20.18
N ILE A 254 -3.71 2.61 18.89
CA ILE A 254 -2.66 3.33 18.21
C ILE A 254 -2.96 4.84 18.11
N LEU A 255 -4.21 5.21 17.91
CA LEU A 255 -4.56 6.63 17.88
C LEU A 255 -4.27 7.31 19.19
N LEU A 256 -4.53 6.59 20.28
CA LEU A 256 -4.35 7.17 21.62
C LEU A 256 -2.93 7.13 22.16
N SER A 257 -2.13 6.13 21.79
CA SER A 257 -0.76 5.99 22.30
C SER A 257 0.36 6.19 21.26
N GLY A 258 0.03 6.09 19.98
CA GLY A 258 1.05 6.06 18.92
C GLY A 258 1.88 4.78 18.80
N CYS A 259 1.51 3.75 19.55
CA CYS A 259 2.23 2.50 19.57
C CYS A 259 1.24 1.35 19.37
N PRO A 260 1.64 0.33 18.62
CA PRO A 260 0.69 -0.76 18.45
C PRO A 260 0.62 -1.60 19.73
N PRO A 261 -0.54 -2.18 20.04
CA PRO A 261 -0.64 -3.03 21.24
C PRO A 261 0.14 -4.35 21.12
N PHE A 262 0.20 -4.92 19.92
CA PHE A 262 0.94 -6.14 19.66
C PHE A 262 2.08 -5.77 18.73
N ASN A 263 3.25 -5.59 19.32
CA ASN A 263 4.38 -5.02 18.62
C ASN A 263 5.53 -6.01 18.49
N GLY A 264 6.46 -5.70 17.61
CA GLY A 264 7.65 -6.51 17.43
C GLY A 264 8.53 -5.94 16.32
N SER A 265 9.78 -6.38 16.33
CA SER A 265 10.75 -5.96 15.31
C SER A 265 10.46 -6.54 13.91
N ASN A 266 9.57 -7.53 13.79
CA ASN A 266 9.29 -8.19 12.51
C ASN A 266 7.96 -8.95 12.52
N GLU A 267 7.60 -9.51 11.37
CA GLU A 267 6.33 -10.21 11.22
C GLU A 267 6.15 -11.34 12.24
N TYR A 268 7.15 -12.20 12.39
CA TYR A 268 7.03 -13.35 13.29
C TYR A 268 6.76 -12.94 14.73
N ASP A 269 7.43 -11.88 15.22
CA ASP A 269 7.26 -11.45 16.61
C ASP A 269 5.87 -10.86 16.82
N ILE A 270 5.41 -10.08 15.84
CA ILE A 270 4.09 -9.45 15.92
C ILE A 270 3.00 -10.52 15.99
N LEU A 271 3.04 -11.47 15.05
CA LEU A 271 2.04 -12.55 15.01
C LEU A 271 2.03 -13.41 16.26
N LYS A 272 3.17 -13.51 16.94
CA LYS A 272 3.25 -14.20 18.21
C LYS A 272 2.49 -13.46 19.32
N LYS A 273 2.66 -12.15 19.39
CA LYS A 273 1.95 -11.33 20.37
C LYS A 273 0.44 -11.32 20.10
N VAL A 274 0.04 -11.23 18.83
CA VAL A 274 -1.37 -11.29 18.45
C VAL A 274 -1.96 -12.62 18.90
N GLU A 275 -1.26 -13.73 18.61
N GLU A 275 -1.24 -13.71 18.61
CA GLU A 275 -1.71 -15.07 18.95
CA GLU A 275 -1.64 -15.07 18.96
C GLU A 275 -2.01 -15.19 20.44
C GLU A 275 -1.99 -15.18 20.43
N ALA A 276 -1.14 -14.61 21.27
CA ALA A 276 -1.32 -14.68 22.72
C ALA A 276 -2.37 -13.69 23.14
N GLY A 277 -2.55 -12.63 22.37
CA GLY A 277 -3.55 -11.61 22.65
C GLY A 277 -3.23 -10.77 23.86
N LYS A 278 -1.97 -10.77 24.30
CA LYS A 278 -1.59 -10.01 25.48
C LYS A 278 -1.06 -8.64 25.10
N TYR A 279 -1.67 -7.61 25.68
CA TYR A 279 -1.25 -6.22 25.51
C TYR A 279 -1.37 -5.56 26.87
N THR A 280 -0.84 -4.34 26.98
CA THR A 280 -0.86 -3.61 28.25
C THR A 280 -1.17 -2.14 28.03
N PHE A 281 -1.64 -1.50 29.10
CA PHE A 281 -1.82 -0.07 29.14
C PHE A 281 -0.68 0.62 29.90
N ASP A 282 0.48 -0.04 30.00
CA ASP A 282 1.63 0.49 30.77
C ASP A 282 2.64 1.17 29.89
N LEU A 283 2.20 2.26 29.28
CA LEU A 283 3.05 3.16 28.54
C LEU A 283 2.81 4.51 29.17
N PRO A 284 3.80 5.43 29.08
CA PRO A 284 3.58 6.78 29.61
C PRO A 284 2.36 7.45 28.97
N GLN A 285 2.24 7.30 27.65
CA GLN A 285 1.09 7.79 26.88
C GLN A 285 -0.26 7.57 27.59
N PHE A 286 -0.46 6.37 28.12
CA PHE A 286 -1.72 6.02 28.74
C PHE A 286 -1.99 6.65 30.11
N LYS A 287 -1.01 7.35 30.70
CA LYS A 287 -1.23 8.06 31.98
C LYS A 287 -2.37 9.09 31.90
N LYS A 288 -2.47 9.79 30.77
CA LYS A 288 -3.49 10.84 30.58
C LYS A 288 -4.79 10.37 29.90
N ILE A 289 -4.83 9.10 29.51
CA ILE A 289 -5.99 8.57 28.79
C ILE A 289 -6.97 8.10 29.84
N SER A 290 -8.24 8.48 29.69
CA SER A 290 -9.24 8.18 30.72
C SER A 290 -9.54 6.68 30.84
N ASP A 291 -10.16 6.31 31.95
CA ASP A 291 -10.65 4.96 32.17
C ASP A 291 -11.66 4.60 31.09
N LYS A 292 -12.56 5.54 30.79
CA LYS A 292 -13.57 5.38 29.74
C LYS A 292 -13.00 4.87 28.42
N ALA A 293 -11.97 5.53 27.91
CA ALA A 293 -11.34 5.12 26.65
C ALA A 293 -10.70 3.74 26.78
N LYS A 294 -10.08 3.50 27.92
CA LYS A 294 -9.45 2.23 28.19
C LYS A 294 -10.47 1.11 28.25
N ASP A 295 -11.64 1.42 28.81
CA ASP A 295 -12.69 0.42 28.94
C ASP A 295 -13.14 -0.03 27.56
N LEU A 296 -13.21 0.90 26.61
CA LEU A 296 -13.66 0.59 25.27
C LEU A 296 -12.66 -0.30 24.58
N ILE A 297 -11.39 0.06 24.63
CA ILE A 297 -10.35 -0.74 24.00
C ILE A 297 -10.37 -2.16 24.55
N LYS A 298 -10.51 -2.30 25.86
CA LYS A 298 -10.58 -3.62 26.48
C LYS A 298 -11.69 -4.46 25.85
N LYS A 299 -12.86 -3.87 25.69
CA LYS A 299 -13.97 -4.62 25.13
C LYS A 299 -13.77 -4.96 23.64
N MET A 300 -13.07 -4.10 22.90
CA MET A 300 -12.80 -4.35 21.50
C MET A 300 -11.70 -5.39 21.32
N LEU A 301 -10.78 -5.49 22.26
CA LEU A 301 -9.70 -6.44 22.11
C LEU A 301 -9.91 -7.70 22.96
N MET A 302 -11.16 -8.07 23.24
CA MET A 302 -11.42 -9.36 23.86
C MET A 302 -11.02 -10.45 22.88
N TYR A 303 -10.27 -11.42 23.38
CA TYR A 303 -9.72 -12.49 22.56
C TYR A 303 -10.83 -13.40 22.05
N THR A 304 -11.77 -13.74 22.92
CA THR A 304 -12.88 -14.61 22.54
C THR A 304 -13.93 -13.76 21.84
N SER A 305 -14.10 -13.99 20.55
CA SER A 305 -14.97 -13.15 19.72
C SER A 305 -16.41 -13.08 20.21
N ALA A 306 -16.95 -14.19 20.74
CA ALA A 306 -18.31 -14.20 21.31
C ALA A 306 -18.53 -13.16 22.44
N VAL A 307 -17.47 -12.86 23.18
CA VAL A 307 -17.46 -11.89 24.27
C VAL A 307 -17.01 -10.48 23.83
N ARG A 308 -16.46 -10.37 22.62
CA ARG A 308 -16.01 -9.08 22.10
C ARG A 308 -17.23 -8.21 21.79
N ILE A 309 -17.15 -6.94 22.19
CA ILE A 309 -18.26 -6.01 21.94
C ILE A 309 -18.59 -5.90 20.44
N SER A 310 -19.86 -5.67 20.17
CA SER A 310 -20.33 -5.51 18.80
C SER A 310 -20.04 -4.09 18.33
N ALA A 311 -20.03 -3.87 17.03
CA ALA A 311 -19.80 -2.51 16.50
C ALA A 311 -20.85 -1.49 16.97
N ARG A 312 -22.12 -1.92 17.05
N ARG A 312 -22.12 -1.92 17.07
CA ARG A 312 -23.23 -1.07 17.50
CA ARG A 312 -23.21 -1.04 17.48
C ARG A 312 -23.05 -0.60 18.95
C ARG A 312 -23.11 -0.61 18.95
N ASP A 313 -22.72 -1.53 19.83
CA ASP A 313 -22.54 -1.20 21.25
C ASP A 313 -21.29 -0.36 21.44
N ALA A 314 -20.26 -0.63 20.65
CA ALA A 314 -19.07 0.17 20.67
C ALA A 314 -19.42 1.60 20.28
N LEU A 315 -20.20 1.76 19.22
CA LEU A 315 -20.64 3.08 18.75
C LEU A 315 -21.34 3.89 19.82
N GLU A 316 -22.08 3.22 20.69
CA GLU A 316 -22.81 3.86 21.78
C GLU A 316 -22.06 3.86 23.13
N HIS A 317 -20.76 3.57 23.08
CA HIS A 317 -19.99 3.52 24.29
C HIS A 317 -19.89 4.93 24.84
N GLU A 318 -19.88 4.99 26.16
CA GLU A 318 -19.81 6.21 26.95
C GLU A 318 -18.69 7.15 26.51
N TRP A 319 -17.51 6.61 26.25
CA TRP A 319 -16.40 7.41 25.75
C TRP A 319 -16.75 8.19 24.48
N ILE A 320 -17.36 7.50 23.51
CA ILE A 320 -17.74 8.13 22.26
C ILE A 320 -18.83 9.17 22.47
N LYS A 321 -19.84 8.83 23.28
CA LYS A 321 -20.87 9.80 23.60
C LYS A 321 -20.28 11.07 24.23
N MET A 322 -19.44 10.94 25.25
CA MET A 322 -18.91 12.11 25.94
C MET A 322 -18.02 12.98 25.02
N MET A 323 -17.12 12.34 24.26
CA MET A 323 -16.14 13.08 23.47
C MET A 323 -16.73 13.82 22.27
N THR A 324 -17.71 13.20 21.63
CA THR A 324 -18.25 13.72 20.38
C THR A 324 -19.53 14.55 20.58
N SER A 325 -19.90 14.78 21.85
CA SER A 325 -21.10 15.52 22.22
C SER A 325 -20.96 17.02 21.99
N LYS A 326 -22.10 17.67 21.74
CA LYS A 326 -22.15 19.13 21.59
C LYS A 326 -22.31 19.79 22.95
N LEU A 336 -7.21 16.99 25.50
CA LEU A 336 -5.91 16.33 25.69
C LEU A 336 -5.11 16.23 24.38
N GLU A 337 -3.88 16.73 24.37
CA GLU A 337 -2.94 16.48 23.28
C GLU A 337 -2.40 15.06 23.37
N LEU A 338 -2.69 14.25 22.35
CA LEU A 338 -2.08 12.93 22.23
C LEU A 338 -0.69 13.06 21.57
N SER A 339 0.04 11.94 21.55
CA SER A 339 1.37 11.95 20.98
C SER A 339 1.27 11.68 19.48
N ILE A 340 1.13 12.78 18.74
CA ILE A 340 1.30 12.77 17.30
C ILE A 340 2.69 12.27 16.92
N ALA A 341 3.70 12.63 17.72
CA ALA A 341 5.07 12.27 17.40
C ALA A 341 5.29 10.76 17.48
N ASN A 342 4.61 10.07 18.39
CA ASN A 342 4.67 8.61 18.40
C ASN A 342 3.97 8.01 17.17
N ILE A 343 2.86 8.61 16.75
CA ILE A 343 2.09 8.16 15.61
C ILE A 343 2.95 8.34 14.36
N ARG A 344 3.62 9.50 14.27
CA ARG A 344 4.56 9.78 13.19
C ARG A 344 5.75 8.79 13.14
N GLN A 345 6.43 8.57 14.25
CA GLN A 345 7.51 7.61 14.30
C GLN A 345 7.02 6.25 13.82
N PHE A 346 5.83 5.85 14.28
CA PHE A 346 5.32 4.55 13.93
C PHE A 346 4.98 4.45 12.44
N GLN A 347 4.21 5.41 11.94
CA GLN A 347 3.81 5.41 10.54
C GLN A 347 5.00 5.59 9.62
N SER A 348 5.87 6.56 9.92
CA SER A 348 6.99 6.90 9.03
C SER A 348 8.06 5.82 9.02
N THR A 349 8.21 5.09 10.14
CA THR A 349 9.13 3.96 10.17
C THR A 349 8.61 2.87 9.25
N GLN A 350 7.30 2.67 9.21
CA GLN A 350 6.73 1.67 8.30
C GLN A 350 6.93 2.06 6.82
N LYS A 351 6.68 3.32 6.50
CA LYS A 351 6.81 3.84 5.14
C LYS A 351 8.23 3.82 4.63
N LEU A 352 9.18 4.24 5.46
CA LEU A 352 10.57 4.24 5.07
C LEU A 352 11.10 2.82 4.86
N ALA A 353 10.70 1.88 5.72
CA ALA A 353 11.08 0.49 5.52
C ALA A 353 10.52 -0.08 4.21
N GLN A 354 9.26 0.21 3.92
CA GLN A 354 8.63 -0.16 2.64
C GLN A 354 9.36 0.46 1.47
N ALA A 355 9.72 1.74 1.58
CA ALA A 355 10.43 2.41 0.49
C ALA A 355 11.82 1.82 0.34
N ALA A 356 12.44 1.42 1.44
CA ALA A 356 13.79 0.82 1.37
C ALA A 356 13.73 -0.52 0.68
N LEU A 357 12.71 -1.30 1.04
CA LEU A 357 12.43 -2.58 0.36
C LEU A 357 12.20 -2.46 -1.14
N LEU A 358 11.32 -1.54 -1.53
CA LEU A 358 11.02 -1.27 -2.93
C LEU A 358 12.24 -0.74 -3.72
N TYR A 359 13.08 0.07 -3.07
CA TYR A 359 14.30 0.55 -3.69
C TYR A 359 15.21 -0.63 -3.99
N MET A 360 15.39 -1.53 -3.02
CA MET A 360 16.26 -2.70 -3.28
C MET A 360 15.63 -3.65 -4.28
N GLY A 361 14.33 -3.86 -4.19
CA GLY A 361 13.61 -4.80 -5.03
C GLY A 361 13.58 -4.33 -6.47
N SER A 362 13.39 -3.03 -6.65
CA SER A 362 13.37 -2.45 -7.96
C SER A 362 14.74 -2.47 -8.63
N LYS A 363 15.77 -2.17 -7.85
CA LYS A 363 17.11 -2.22 -8.35
C LYS A 363 17.46 -3.62 -8.82
N LEU A 364 17.17 -4.61 -7.98
CA LEU A 364 17.52 -6.01 -8.31
C LEU A 364 16.69 -6.54 -9.48
N THR A 365 15.40 -6.25 -9.46
CA THR A 365 14.48 -6.70 -10.50
C THR A 365 14.85 -6.09 -11.86
N THR A 366 15.25 -4.83 -11.84
CA THR A 366 15.65 -4.15 -13.05
C THR A 366 16.96 -4.69 -13.64
N ILE A 367 17.91 -5.07 -12.79
CA ILE A 367 19.12 -5.74 -13.24
C ILE A 367 18.76 -7.03 -14.01
N ASP A 368 17.93 -7.89 -13.40
CA ASP A 368 17.47 -9.14 -14.03
C ASP A 368 16.73 -8.94 -15.35
N GLU A 369 15.84 -7.96 -15.41
CA GLU A 369 15.04 -7.72 -16.60
C GLU A 369 15.94 -7.12 -17.70
N THR A 370 16.98 -6.40 -17.31
CA THR A 370 17.93 -5.82 -18.25
C THR A 370 18.79 -6.88 -18.91
N LYS A 371 19.21 -7.89 -18.16
CA LYS A 371 19.92 -9.00 -18.74
C LYS A 371 19.05 -9.74 -19.75
N GLU A 372 17.77 -9.95 -19.44
CA GLU A 372 16.85 -10.65 -20.37
C GLU A 372 16.51 -9.81 -21.61
N LEU A 373 16.34 -8.50 -21.45
CA LEU A 373 16.17 -7.61 -22.59
C LEU A 373 17.41 -7.56 -23.46
N THR A 374 18.59 -7.60 -22.84
CA THR A 374 19.82 -7.62 -23.58
C THR A 374 19.91 -8.86 -24.49
N LYS A 375 19.52 -10.02 -23.99
CA LYS A 375 19.50 -11.24 -24.80
C LYS A 375 18.52 -11.07 -25.95
N ILE A 376 17.34 -10.54 -25.64
CA ILE A 376 16.27 -10.42 -26.63
C ILE A 376 16.68 -9.43 -27.73
N PHE A 377 17.23 -8.28 -27.34
CA PHE A 377 17.68 -7.27 -28.32
C PHE A 377 18.87 -7.74 -29.14
N LYS A 378 19.75 -8.56 -28.55
CA LYS A 378 20.86 -9.19 -29.29
C LYS A 378 20.37 -10.01 -30.48
N LYS A 379 19.30 -10.78 -30.26
CA LYS A 379 18.71 -11.60 -31.29
C LYS A 379 18.08 -10.74 -32.39
N MET A 380 17.44 -9.64 -32.00
CA MET A 380 16.76 -8.75 -32.96
C MET A 380 17.75 -7.92 -33.75
N ASP A 381 18.96 -7.69 -33.22
CA ASP A 381 19.94 -6.82 -33.87
C ASP A 381 20.70 -7.51 -34.99
N LYS A 382 20.08 -7.61 -36.16
CA LYS A 382 20.63 -8.44 -37.23
C LYS A 382 21.90 -7.92 -37.86
N ASN A 383 22.03 -6.61 -38.06
CA ASN A 383 23.30 -6.10 -38.61
C ASN A 383 24.40 -5.89 -37.56
N GLY A 384 24.07 -6.05 -36.28
CA GLY A 384 25.07 -6.03 -35.25
C GLY A 384 25.62 -4.66 -34.88
N ASP A 385 24.96 -3.58 -35.27
CA ASP A 385 25.43 -2.24 -34.90
C ASP A 385 24.84 -1.79 -33.55
N GLY A 386 24.02 -2.63 -32.93
CA GLY A 386 23.46 -2.34 -31.64
C GLY A 386 22.29 -1.39 -31.69
N GLN A 387 21.76 -1.12 -32.88
CA GLN A 387 20.72 -0.12 -33.03
C GLN A 387 19.37 -0.72 -33.34
N LEU A 388 18.33 -0.14 -32.76
CA LEU A 388 16.98 -0.62 -32.96
C LEU A 388 16.09 0.61 -32.94
N ASP A 389 14.92 0.48 -33.56
CA ASP A 389 13.95 1.58 -33.55
C ASP A 389 12.92 1.37 -32.46
N ARG A 390 12.08 2.37 -32.26
CA ARG A 390 11.05 2.34 -31.25
C ARG A 390 10.16 1.09 -31.26
N ASN A 391 9.71 0.66 -32.44
N ASN A 391 9.73 0.67 -32.45
CA ASN A 391 8.82 -0.50 -32.53
CA ASN A 391 8.86 -0.50 -32.61
C ASN A 391 9.56 -1.80 -32.19
C ASN A 391 9.57 -1.78 -32.17
N GLU A 392 10.84 -1.89 -32.53
CA GLU A 392 11.66 -3.03 -32.13
C GLU A 392 11.87 -3.10 -30.61
N LEU A 393 12.07 -1.95 -29.98
CA LEU A 393 12.19 -1.90 -28.53
C LEU A 393 10.93 -2.42 -27.88
N ILE A 394 9.78 -1.96 -28.37
CA ILE A 394 8.49 -2.32 -27.82
C ILE A 394 8.22 -3.83 -27.97
N ILE A 395 8.50 -4.33 -29.16
CA ILE A 395 8.38 -5.76 -29.43
C ILE A 395 9.22 -6.57 -28.45
N GLY A 396 10.44 -6.13 -28.18
CA GLY A 396 11.31 -6.76 -27.20
C GLY A 396 10.73 -6.83 -25.80
N TYR A 397 10.11 -5.75 -25.30
CA TYR A 397 9.40 -5.85 -23.99
C TYR A 397 8.25 -6.85 -24.03
N LYS A 398 7.56 -6.96 -25.15
CA LYS A 398 6.45 -7.88 -25.27
C LYS A 398 6.96 -9.31 -25.28
N GLU A 399 8.01 -9.56 -26.07
CA GLU A 399 8.71 -10.86 -26.05
C GLU A 399 9.04 -11.26 -24.62
N LEU A 400 9.61 -10.34 -23.85
CA LEU A 400 9.98 -10.66 -22.48
C LEU A 400 8.82 -11.31 -21.70
N LEU A 401 7.67 -10.63 -21.66
CA LEU A 401 6.51 -11.17 -20.93
C LEU A 401 5.85 -12.40 -21.58
N LYS A 402 6.19 -12.71 -22.83
CA LYS A 402 5.81 -14.00 -23.43
C LYS A 402 6.64 -15.14 -22.84
N LEU A 403 7.93 -14.93 -22.64
CA LEU A 403 8.78 -15.88 -21.90
C LEU A 403 8.22 -16.09 -20.48
N LYS A 404 7.72 -15.02 -19.85
CA LYS A 404 7.00 -15.14 -18.59
C LYS A 404 5.66 -15.90 -18.76
N GLY A 405 5.02 -15.71 -19.92
CA GLY A 405 3.82 -16.47 -20.29
C GLY A 405 2.52 -15.71 -20.11
N GLU A 406 2.48 -14.47 -20.59
CA GLU A 406 1.29 -13.61 -20.49
C GLU A 406 0.91 -13.01 -21.86
N ASP A 407 -0.40 -12.94 -22.13
CA ASP A 407 -0.91 -12.46 -23.42
C ASP A 407 -1.86 -11.27 -23.25
N SER A 409 -2.50 -7.63 -23.67
CA SER A 409 -3.36 -6.78 -22.84
C SER A 409 -3.19 -5.28 -23.15
N ASP A 410 -4.31 -4.58 -23.39
CA ASP A 410 -4.27 -3.17 -23.81
C ASP A 410 -3.65 -2.19 -22.77
N LEU A 411 -3.95 -2.41 -21.49
CA LEU A 411 -3.45 -1.55 -20.43
C LEU A 411 -1.94 -1.75 -20.33
N ASP A 412 -1.51 -3.01 -20.45
CA ASP A 412 -0.09 -3.37 -20.45
C ASP A 412 0.63 -2.86 -21.68
N ASN A 413 -0.03 -2.96 -22.84
CA ASN A 413 0.56 -2.42 -24.06
C ASN A 413 0.82 -0.93 -23.90
N ALA A 414 -0.16 -0.20 -23.38
CA ALA A 414 0.00 1.22 -23.13
C ALA A 414 1.08 1.50 -22.09
N ALA A 415 1.15 0.67 -21.05
CA ALA A 415 2.19 0.81 -20.04
C ALA A 415 3.58 0.60 -20.65
N ILE A 416 3.71 -0.39 -21.52
CA ILE A 416 4.98 -0.62 -22.23
C ILE A 416 5.39 0.55 -23.14
N GLU A 417 4.45 1.08 -23.91
CA GLU A 417 4.78 2.23 -24.72
C GLU A 417 5.17 3.45 -23.90
N TYR A 418 4.52 3.65 -22.77
CA TYR A 418 4.84 4.76 -21.91
C TYR A 418 6.24 4.62 -21.30
N GLU A 419 6.60 3.43 -20.80
CA GLU A 419 7.97 3.26 -20.28
C GLU A 419 9.01 3.49 -21.37
N VAL A 420 8.79 2.89 -22.53
CA VAL A 420 9.72 3.07 -23.63
C VAL A 420 9.85 4.53 -23.98
N ASP A 421 8.73 5.23 -24.13
CA ASP A 421 8.78 6.65 -24.51
C ASP A 421 9.44 7.53 -23.46
N GLN A 422 9.21 7.27 -22.17
N GLN A 422 9.22 7.26 -22.19
CA GLN A 422 9.86 8.07 -21.13
CA GLN A 422 9.86 8.03 -21.14
C GLN A 422 11.38 7.85 -21.10
C GLN A 422 11.36 7.86 -21.15
N ILE A 423 11.83 6.66 -21.47
CA ILE A 423 13.26 6.41 -21.62
C ILE A 423 13.78 7.16 -22.84
N LEU A 424 13.07 7.09 -23.95
CA LEU A 424 13.47 7.83 -25.14
C LEU A 424 13.44 9.37 -24.91
N ASN A 425 12.47 9.89 -24.14
CA ASN A 425 12.43 11.31 -23.77
C ASN A 425 13.58 11.77 -22.88
N SER A 426 14.27 10.80 -22.28
CA SER A 426 15.47 11.09 -21.49
C SER A 426 16.78 11.11 -22.28
N ILE A 427 16.72 10.88 -23.59
CA ILE A 427 17.90 10.77 -24.45
C ILE A 427 17.76 11.74 -25.60
N ASP A 428 18.86 12.43 -25.92
CA ASP A 428 18.98 13.29 -27.11
C ASP A 428 18.98 12.38 -28.35
N LEU A 429 17.80 12.15 -28.91
CA LEU A 429 17.60 11.15 -29.93
C LEU A 429 18.13 11.58 -31.28
N ASP A 430 18.68 10.61 -32.00
CA ASP A 430 19.09 10.78 -33.37
C ASP A 430 17.86 10.95 -34.27
N GLN A 431 17.98 11.76 -35.31
N GLN A 431 18.04 11.78 -35.30
CA GLN A 431 16.81 12.02 -36.16
CA GLN A 431 17.02 12.07 -36.33
C GLN A 431 16.55 10.90 -37.20
C GLN A 431 16.51 10.84 -37.04
N ASN A 432 17.39 9.86 -37.23
CA ASN A 432 17.07 8.65 -38.04
C ASN A 432 16.11 7.67 -37.38
N GLY A 433 15.77 7.93 -36.12
CA GLY A 433 14.82 7.10 -35.39
C GLY A 433 15.44 5.89 -34.68
N TYR A 434 16.75 5.69 -34.84
CA TYR A 434 17.44 4.54 -34.25
C TYR A 434 18.13 4.85 -32.93
N ILE A 435 18.11 3.86 -32.06
CA ILE A 435 18.69 3.95 -30.75
C ILE A 435 19.61 2.76 -30.44
N GLU A 436 20.79 3.05 -29.90
N GLU A 436 20.79 3.05 -29.90
CA GLU A 436 21.67 2.02 -29.38
CA GLU A 436 21.66 2.00 -29.39
C GLU A 436 20.96 1.41 -28.17
C GLU A 436 20.98 1.41 -28.17
N TYR A 437 20.66 0.12 -28.24
CA TYR A 437 19.90 -0.51 -27.15
C TYR A 437 20.63 -0.59 -25.81
N SER A 438 21.95 -0.56 -25.80
CA SER A 438 22.72 -0.59 -24.55
C SER A 438 22.57 0.76 -23.84
N GLU A 439 22.56 1.86 -24.61
CA GLU A 439 22.25 3.16 -24.05
C GLU A 439 20.82 3.22 -23.50
N PHE A 440 19.88 2.70 -24.28
CA PHE A 440 18.50 2.63 -23.85
C PHE A 440 18.35 1.92 -22.51
N LEU A 441 19.01 0.80 -22.37
CA LEU A 441 18.95 -0.01 -21.15
C LEU A 441 19.70 0.64 -19.98
N THR A 442 20.83 1.29 -20.27
CA THR A 442 21.53 2.04 -19.26
C THR A 442 20.71 3.21 -18.73
N VAL A 443 20.10 3.99 -19.62
CA VAL A 443 19.25 5.09 -19.19
C VAL A 443 18.02 4.53 -18.45
N SER A 444 17.54 3.40 -18.91
CA SER A 444 16.43 2.75 -18.24
C SER A 444 16.76 2.41 -16.78
N ILE A 445 17.97 1.91 -16.53
CA ILE A 445 18.39 1.59 -15.17
C ILE A 445 18.44 2.87 -14.34
N ASP A 446 19.08 3.90 -14.86
CA ASP A 446 19.18 5.15 -14.13
C ASP A 446 17.83 5.81 -13.82
N ARG A 447 16.88 5.69 -14.74
CA ARG A 447 15.57 6.30 -14.54
C ARG A 447 14.85 5.63 -13.41
N LYS A 448 14.89 4.30 -13.35
CA LYS A 448 14.25 3.60 -12.21
C LYS A 448 14.94 3.80 -10.85
N LEU A 449 16.25 4.00 -10.83
CA LEU A 449 16.97 4.30 -9.58
C LEU A 449 16.54 5.69 -9.11
N LEU A 450 16.46 6.62 -10.03
CA LEU A 450 15.98 7.96 -9.72
C LEU A 450 14.57 7.97 -9.10
N LEU A 451 13.63 7.27 -9.73
CA LEU A 451 12.27 7.19 -9.22
C LEU A 451 12.23 6.57 -7.82
N SER A 452 12.99 5.52 -7.63
CA SER A 452 13.04 4.87 -6.33
C SER A 452 13.70 5.76 -5.28
N THR A 453 14.71 6.53 -5.68
CA THR A 453 15.34 7.50 -4.81
C THR A 453 14.32 8.55 -4.37
N GLU A 454 13.46 8.98 -5.30
CA GLU A 454 12.49 10.00 -4.97
C GLU A 454 11.49 9.51 -3.95
N ARG A 455 11.02 8.27 -4.09
CA ARG A 455 10.13 7.65 -3.09
C ARG A 455 10.84 7.48 -1.73
N LEU A 456 12.11 7.15 -1.77
CA LEU A 456 12.89 7.07 -0.54
C LEU A 456 12.98 8.46 0.08
N GLU A 457 13.18 9.47 -0.76
CA GLU A 457 13.25 10.85 -0.27
C GLU A 457 11.99 11.29 0.42
N LYS A 458 10.85 11.04 -0.21
CA LYS A 458 9.58 11.40 0.39
C LYS A 458 9.32 10.71 1.73
N ALA A 459 9.72 9.44 1.87
CA ALA A 459 9.47 8.72 3.09
C ALA A 459 10.43 9.23 4.15
N PHE A 460 11.65 9.56 3.74
CA PHE A 460 12.59 10.12 4.68
C PHE A 460 12.19 11.48 5.25
N LYS A 461 11.61 12.34 4.41
CA LYS A 461 11.10 13.66 4.85
C LYS A 461 10.14 13.50 6.02
N LEU A 462 9.21 12.58 5.89
CA LEU A 462 8.25 12.28 6.94
C LEU A 462 8.92 11.77 8.23
N PHE A 463 9.83 10.82 8.06
CA PHE A 463 10.59 10.24 9.16
C PHE A 463 11.39 11.29 9.96
N ASP A 464 11.96 12.27 9.25
CA ASP A 464 12.92 13.20 9.85
C ASP A 464 12.31 14.57 10.19
N LYS A 465 10.98 14.67 10.27
CA LYS A 465 10.30 15.96 10.48
C LYS A 465 10.83 16.83 11.62
N ASP A 466 11.22 16.21 12.73
CA ASP A 466 11.75 16.94 13.88
C ASP A 466 13.13 16.40 14.27
N GLY A 467 13.87 15.93 13.28
CA GLY A 467 15.11 15.18 13.54
C GLY A 467 16.38 15.88 13.10
N SER A 468 17.49 15.16 13.23
CA SER A 468 18.83 15.65 12.91
C SER A 468 19.16 15.60 11.40
N GLY A 469 18.26 15.06 10.60
CA GLY A 469 18.57 14.71 9.22
C GLY A 469 19.25 13.34 9.16
N LYS A 470 19.23 12.62 10.28
CA LYS A 470 20.02 11.39 10.42
C LYS A 470 19.20 10.23 10.98
N ILE A 471 19.68 9.01 10.75
CA ILE A 471 19.04 7.78 11.19
C ILE A 471 20.01 7.03 12.09
N SER A 472 19.53 6.55 13.23
CA SER A 472 20.39 5.88 14.20
C SER A 472 20.63 4.42 13.81
N ALA A 473 21.66 3.80 14.37
CA ALA A 473 21.78 2.36 14.30
C ALA A 473 20.51 1.66 14.78
N ASN A 474 19.95 2.14 15.88
N ASN A 474 19.95 2.14 15.89
CA ASN A 474 18.73 1.53 16.46
CA ASN A 474 18.74 1.54 16.45
C ASN A 474 17.53 1.60 15.53
C ASN A 474 17.53 1.60 15.51
N GLU A 475 17.33 2.73 14.86
CA GLU A 475 16.24 2.91 13.87
C GLU A 475 16.51 2.04 12.65
N LEU A 476 17.77 1.97 12.24
CA LEU A 476 18.18 1.07 11.19
C LEU A 476 17.83 -0.38 11.49
N ALA A 477 17.95 -0.79 12.77
CA ALA A 477 17.60 -2.16 13.18
C ALA A 477 16.10 -2.41 13.03
N GLN A 478 15.29 -1.44 13.41
CA GLN A 478 13.85 -1.53 13.16
C GLN A 478 13.52 -1.61 11.67
N LEU A 479 14.05 -0.69 10.86
CA LEU A 479 13.74 -0.66 9.42
C LEU A 479 14.11 -1.98 8.75
N PHE A 480 15.33 -2.45 9.01
CA PHE A 480 15.79 -3.69 8.41
C PHE A 480 15.17 -4.92 9.05
N GLY A 481 14.76 -4.81 10.32
CA GLY A 481 13.96 -5.86 10.96
C GLY A 481 12.68 -6.11 10.17
N LEU A 482 12.01 -5.03 9.80
CA LEU A 482 10.78 -5.09 9.04
C LEU A 482 11.00 -5.58 7.61
N SER A 483 12.18 -5.28 7.07
CA SER A 483 12.59 -5.72 5.72
C SER A 483 13.11 -7.16 5.70
N ASP A 484 13.25 -7.80 6.85
CA ASP A 484 13.94 -9.10 6.96
C ASP A 484 15.32 -9.08 6.28
N VAL A 485 16.17 -8.15 6.69
CA VAL A 485 17.56 -8.09 6.25
C VAL A 485 18.43 -8.40 7.46
N SER A 486 19.42 -9.29 7.31
CA SER A 486 20.14 -9.83 8.46
C SER A 486 21.05 -8.79 9.12
N SER A 487 21.07 -8.82 10.45
CA SER A 487 21.85 -7.90 11.26
C SER A 487 23.30 -7.83 10.81
N GLU A 488 23.89 -8.94 10.41
CA GLU A 488 25.29 -8.91 10.00
C GLU A 488 25.46 -8.30 8.60
N CYS A 489 24.49 -8.50 7.70
CA CYS A 489 24.54 -7.87 6.40
C CYS A 489 24.51 -6.36 6.54
N TRP A 490 23.54 -5.82 7.28
CA TRP A 490 23.44 -4.36 7.41
C TRP A 490 24.52 -3.71 8.27
N LYS A 491 24.89 -4.33 9.40
CA LYS A 491 25.97 -3.78 10.23
C LYS A 491 27.29 -3.71 9.47
N THR A 492 27.54 -4.72 8.62
CA THR A 492 28.72 -4.73 7.77
C THR A 492 28.71 -3.56 6.79
N VAL A 493 27.54 -3.25 6.28
CA VAL A 493 27.40 -2.19 5.31
C VAL A 493 27.42 -0.82 6.01
N LEU A 494 26.84 -0.76 7.21
CA LEU A 494 26.92 0.44 8.06
C LEU A 494 28.37 0.86 8.39
N LYS A 495 29.24 -0.12 8.59
CA LYS A 495 30.66 0.16 8.79
C LYS A 495 31.28 0.91 7.62
N GLU A 496 31.03 0.41 6.40
CA GLU A 496 31.58 1.03 5.19
C GLU A 496 31.11 2.47 5.02
N VAL A 497 29.90 2.74 5.51
CA VAL A 497 29.16 3.94 5.16
C VAL A 497 29.30 5.06 6.22
N ASP A 498 29.47 4.69 7.49
CA ASP A 498 29.58 5.67 8.59
C ASP A 498 31.04 5.93 8.88
N GLN A 499 31.60 6.91 8.20
CA GLN A 499 33.05 7.04 8.15
C GLN A 499 33.67 7.66 9.40
N ASN A 500 32.90 8.47 10.13
CA ASN A 500 33.37 9.01 11.41
C ASN A 500 32.79 8.26 12.63
N ASN A 501 32.15 7.13 12.39
CA ASN A 501 31.62 6.24 13.45
C ASN A 501 30.71 6.94 14.46
N ASP A 502 29.87 7.85 13.95
CA ASP A 502 28.95 8.61 14.79
C ASP A 502 27.77 7.78 15.28
N GLY A 503 27.65 6.54 14.79
CA GLY A 503 26.50 5.68 15.12
C GLY A 503 25.22 6.10 14.43
N GLU A 504 25.32 7.09 13.55
CA GLU A 504 24.15 7.66 12.88
C GLU A 504 24.56 8.10 11.47
N ILE A 505 23.64 8.06 10.53
CA ILE A 505 23.97 8.43 9.15
C ILE A 505 22.90 9.27 8.47
N ASP A 506 23.31 10.07 7.50
CA ASP A 506 22.39 10.93 6.74
C ASP A 506 21.68 10.17 5.61
N PHE A 507 20.87 10.86 4.82
CA PHE A 507 20.06 10.22 3.78
C PHE A 507 20.87 9.54 2.69
N LYS A 508 21.88 10.23 2.20
CA LYS A 508 22.64 9.75 1.07
C LYS A 508 23.41 8.50 1.49
N GLU A 509 23.83 8.46 2.75
CA GLU A 509 24.52 7.33 3.31
C GLU A 509 23.60 6.15 3.52
N PHE A 510 22.35 6.43 3.90
CA PHE A 510 21.34 5.39 3.99
C PHE A 510 21.09 4.75 2.62
N ARG A 511 20.97 5.59 1.61
CA ARG A 511 20.81 5.14 0.24
C ARG A 511 22.01 4.30 -0.24
N ASP A 512 23.23 4.73 0.03
CA ASP A 512 24.41 3.96 -0.38
C ASP A 512 24.41 2.58 0.29
N MET A 513 23.89 2.53 1.51
CA MET A 513 23.78 1.28 2.24
C MET A 513 22.80 0.31 1.55
N LEU A 514 21.70 0.83 1.02
CA LEU A 514 20.78 -0.02 0.25
C LEU A 514 21.43 -0.51 -1.05
N VAL A 515 22.22 0.34 -1.67
CA VAL A 515 22.91 -0.04 -2.90
C VAL A 515 23.84 -1.19 -2.58
N LYS A 516 24.65 -1.04 -1.53
CA LYS A 516 25.61 -2.07 -1.16
C LYS A 516 24.93 -3.37 -0.73
N LEU A 517 23.79 -3.27 -0.06
CA LEU A 517 23.04 -4.47 0.29
C LEU A 517 22.57 -5.24 -0.95
N CYS A 518 22.34 -4.55 -2.06
CA CYS A 518 22.01 -5.24 -3.30
C CYS A 518 23.22 -5.87 -3.94
N ASN A 519 24.41 -5.39 -3.59
CA ASN A 519 25.67 -5.95 -4.09
C ASN A 519 26.20 -7.08 -3.20
N TYR A 520 25.89 -7.07 -1.90
CA TYR A 520 26.29 -8.16 -0.98
C TYR A 520 25.48 -9.43 -1.25
#